data_2GI3
#
_entry.id   2GI3
#
_cell.length_a   131.776
_cell.length_b   131.776
_cell.length_c   61.987
_cell.angle_alpha   90.000
_cell.angle_beta   90.000
_cell.angle_gamma   120.000
#
_symmetry.space_group_name_H-M   'P 32 2 1'
#
loop_
_entity.id
_entity.type
_entity.pdbx_description
1 polymer 'Glutamyl-tRNA(Gln) amidotransferase subunit A'
2 non-polymer 'ACETATE ION'
3 non-polymer (4S)-2-METHYL-2,4-PENTANEDIOL
4 water water
#
_entity_poly.entity_id   1
_entity_poly.type   'polypeptide(L)'
_entity_poly.pdbx_seq_one_letter_code
;G(MSE)IDLDFRKLTIEECLKLSEEEREKLPQLSLETIKRLDPHVKAFISVRENVSVEKKGKFWGIPVAIKDNILTLG
(MSE)RTTCASRILENYESVFDATVVKK(MSE)KEAGFVVVGKANLDEFA(MSE)GSSTERSAFFPTRNPWDLERVPGGS
SGGSAAAVSAG(MSE)VVAALGSDTGGSVRQPASLCGVVGYKPTYGLVSRYGLVAFASSLDQIGPITKTVRDAAIL
(MSE)EIISGRDENDATTVNRKVDFLSEIEEGVSG(MSE)KFAVPEEIYEHDIEEGVSERFEEALKLLERLGAKVERVKI
PHIKYSVATYYVIAPAEASSNLARFDGVKYGLRIKEKGLRE(MSE)Y(MSE)KTRNVGFGEEVRRRI(MSE)IGTFTLSA
AYYEAYFNKA(MSE)KVRRKISDELNEVLSQYDAILTPTSPVTAFKIGEIKDPLTYYL(MSE)DIFTIPANLAGLPAISV
PFGFSNNLPVGVQVIGRRFADGKVFRIARAIEKNSPYNENG(MSE)FPLPEVKA
;
_entity_poly.pdbx_strand_id   A
#
# COMPACT_ATOMS: atom_id res chain seq x y z
N GLY A 1 12.62 -25.92 -0.61
CA GLY A 1 12.62 -27.12 0.26
C GLY A 1 11.21 -27.46 0.71
N ILE A 3 10.04 -28.69 3.68
CA ILE A 3 9.66 -28.45 5.07
C ILE A 3 9.48 -26.95 5.37
N ASP A 4 8.42 -26.60 6.08
CA ASP A 4 8.25 -25.22 6.60
C ASP A 4 9.15 -24.99 7.83
N LEU A 5 10.34 -24.44 7.61
CA LEU A 5 11.29 -24.18 8.71
C LEU A 5 10.96 -23.01 9.61
N ASP A 6 10.16 -22.07 9.11
CA ASP A 6 9.79 -20.87 9.86
C ASP A 6 8.69 -20.17 9.10
N PHE A 7 7.47 -20.38 9.59
CA PHE A 7 6.28 -19.89 8.94
C PHE A 7 6.37 -18.38 8.64
N ARG A 8 6.96 -17.64 9.57
CA ARG A 8 7.01 -16.18 9.49
C ARG A 8 7.72 -15.70 8.23
N LYS A 9 8.66 -16.52 7.75
CA LYS A 9 9.53 -16.12 6.66
C LYS A 9 9.01 -16.54 5.28
N LEU A 10 7.90 -17.26 5.26
CA LEU A 10 7.42 -17.87 4.04
C LEU A 10 6.88 -16.87 3.01
N THR A 11 7.31 -17.08 1.77
CA THR A 11 6.84 -16.38 0.59
C THR A 11 5.87 -17.27 -0.13
N ILE A 12 5.13 -16.70 -1.07
CA ILE A 12 4.21 -17.45 -1.89
C ILE A 12 4.99 -18.53 -2.66
N GLU A 13 6.14 -18.19 -3.20
CA GLU A 13 6.89 -19.14 -4.01
C GLU A 13 7.44 -20.28 -3.18
N GLU A 14 7.86 -20.00 -1.95
CA GLU A 14 8.31 -21.07 -1.04
C GLU A 14 7.18 -21.99 -0.66
N CYS A 15 6.01 -21.43 -0.38
CA CYS A 15 4.84 -22.27 -0.11
C CYS A 15 4.63 -23.31 -1.22
N LEU A 16 4.79 -22.91 -2.48
CA LEU A 16 4.55 -23.83 -3.59
C LEU A 16 5.50 -25.02 -3.58
N LYS A 17 6.63 -24.92 -2.89
CA LYS A 17 7.63 -26.01 -2.82
C LYS A 17 7.48 -26.91 -1.61
N LEU A 18 6.58 -26.57 -0.70
CA LEU A 18 6.31 -27.38 0.47
C LEU A 18 5.63 -28.69 0.08
N SER A 19 5.92 -29.71 0.89
CA SER A 19 5.25 -30.97 0.76
C SER A 19 3.77 -30.71 1.08
N GLU A 20 2.89 -31.52 0.52
CA GLU A 20 1.48 -31.40 0.82
C GLU A 20 1.20 -31.38 2.33
N GLU A 21 1.88 -32.23 3.08
CA GLU A 21 1.60 -32.29 4.52
C GLU A 21 1.91 -30.96 5.21
N GLU A 22 3.03 -30.36 4.87
CA GLU A 22 3.45 -29.08 5.47
C GLU A 22 2.58 -27.95 4.96
N ARG A 23 2.21 -28.03 3.69
CA ARG A 23 1.39 -26.98 3.09
C ARG A 23 -0.02 -26.94 3.69
N GLU A 24 -0.62 -28.10 3.98
CA GLU A 24 -1.99 -28.08 4.50
C GLU A 24 -2.08 -27.50 5.93
N LYS A 25 -0.95 -27.37 6.62
CA LYS A 25 -0.91 -26.77 7.98
C LYS A 25 -0.90 -25.24 7.99
N LEU A 26 -0.70 -24.62 6.84
CA LEU A 26 -0.48 -23.16 6.80
C LEU A 26 -1.62 -22.31 7.36
N PRO A 27 -2.87 -22.56 6.96
CA PRO A 27 -3.93 -21.73 7.51
C PRO A 27 -4.05 -21.81 9.03
N GLN A 28 -3.88 -23.01 9.58
CA GLN A 28 -3.92 -23.16 11.03
C GLN A 28 -2.71 -22.50 11.69
N LEU A 29 -1.55 -22.67 11.11
CA LEU A 29 -0.34 -22.07 11.66
C LEU A 29 -0.42 -20.50 11.60
N SER A 30 -1.07 -19.97 10.58
CA SER A 30 -1.33 -18.53 10.51
C SER A 30 -2.19 -18.08 11.68
N LEU A 31 -3.30 -18.77 11.91
CA LEU A 31 -4.15 -18.44 13.06
C LEU A 31 -3.35 -18.49 14.37
N GLU A 32 -2.48 -19.47 14.51
CA GLU A 32 -1.70 -19.61 15.75
C GLU A 32 -0.69 -18.48 15.89
N THR A 33 -0.07 -18.10 14.77
CA THR A 33 0.89 -17.00 14.76
C THR A 33 0.21 -15.66 15.12
N ILE A 34 -1.02 -15.46 14.59
CA ILE A 34 -1.85 -14.29 14.91
C ILE A 34 -2.16 -14.27 16.44
N LYS A 35 -2.68 -15.38 16.94
CA LYS A 35 -2.91 -15.52 18.40
C LYS A 35 -1.66 -15.12 19.25
N ARG A 36 -0.47 -15.56 18.84
CA ARG A 36 0.78 -15.22 19.53
C ARG A 36 1.23 -13.76 19.35
N LEU A 37 1.16 -13.25 18.11
CA LEU A 37 1.76 -11.96 17.80
C LEU A 37 0.78 -10.83 17.79
N ASP A 38 -0.48 -11.08 17.44
CA ASP A 38 -1.38 -9.97 17.27
C ASP A 38 -1.72 -9.19 18.55
N PRO A 39 -1.65 -9.82 19.76
CA PRO A 39 -1.84 -9.01 20.96
C PRO A 39 -0.81 -7.86 21.07
N HIS A 40 0.37 -8.02 20.49
CA HIS A 40 1.39 -6.98 20.45
C HIS A 40 1.25 -6.04 19.25
N VAL A 41 0.99 -6.61 18.08
CA VAL A 41 0.95 -5.84 16.81
C VAL A 41 -0.40 -5.16 16.56
N LYS A 42 -1.48 -5.85 16.92
CA LYS A 42 -2.85 -5.37 16.69
C LYS A 42 -3.13 -5.05 15.20
N ALA A 43 -2.81 -6.01 14.32
CA ALA A 43 -2.96 -5.88 12.88
C ALA A 43 -4.39 -6.24 12.42
N PHE A 44 -5.04 -7.16 13.16
CA PHE A 44 -6.31 -7.73 12.78
C PHE A 44 -7.52 -7.20 13.53
N ILE A 45 -8.59 -6.99 12.77
CA ILE A 45 -9.92 -6.68 13.31
C ILE A 45 -10.67 -7.99 13.58
N SER A 46 -10.59 -8.94 12.65
CA SER A 46 -11.21 -10.27 12.81
C SER A 46 -10.37 -11.38 12.15
N VAL A 47 -10.51 -12.59 12.67
CA VAL A 47 -9.89 -13.79 12.06
C VAL A 47 -10.95 -14.84 11.78
N ARG A 48 -10.68 -15.71 10.81
CA ARG A 48 -11.67 -16.69 10.39
C ARG A 48 -11.73 -17.84 11.38
N GLU A 49 -12.78 -18.63 11.24
CA GLU A 49 -12.93 -19.95 11.87
C GLU A 49 -11.99 -20.98 11.20
N ASN A 50 -11.15 -21.64 11.99
CA ASN A 50 -10.21 -22.61 11.42
C ASN A 50 -10.99 -23.75 10.79
N VAL A 51 -10.84 -23.94 9.48
CA VAL A 51 -11.60 -24.96 8.77
C VAL A 51 -10.71 -25.81 7.87
N SER A 52 -11.31 -26.88 7.34
CA SER A 52 -10.62 -27.81 6.47
C SER A 52 -10.04 -27.05 5.28
N VAL A 53 -8.82 -27.41 4.92
CA VAL A 53 -8.11 -26.75 3.83
C VAL A 53 -8.50 -27.46 2.54
N GLU A 54 -9.04 -26.71 1.58
CA GLU A 54 -9.30 -27.27 0.25
C GLU A 54 -8.00 -27.29 -0.53
N LYS A 55 -7.81 -28.31 -1.34
CA LYS A 55 -6.61 -28.38 -2.14
C LYS A 55 -7.02 -28.08 -3.57
N LYS A 56 -7.55 -26.89 -3.78
CA LYS A 56 -8.04 -26.48 -5.09
C LYS A 56 -7.39 -25.17 -5.51
N GLY A 57 -6.85 -25.13 -6.71
CA GLY A 57 -6.14 -23.96 -7.19
C GLY A 57 -4.66 -24.15 -6.92
N LYS A 58 -3.85 -23.55 -7.78
CA LYS A 58 -2.40 -23.62 -7.69
C LYS A 58 -1.84 -23.10 -6.37
N PHE A 59 -2.55 -22.15 -5.78
CA PHE A 59 -2.09 -21.44 -4.59
C PHE A 59 -2.85 -21.88 -3.33
N TRP A 60 -3.34 -23.12 -3.38
CA TRP A 60 -4.17 -23.65 -2.33
C TRP A 60 -3.40 -23.60 -0.99
N GLY A 61 -4.13 -23.34 0.08
CA GLY A 61 -3.59 -23.37 1.45
C GLY A 61 -2.81 -22.14 1.91
N ILE A 62 -2.58 -21.14 1.04
CA ILE A 62 -1.63 -20.09 1.36
C ILE A 62 -2.38 -18.96 2.10
N PRO A 63 -2.04 -18.71 3.37
CA PRO A 63 -2.88 -17.75 4.13
C PRO A 63 -2.56 -16.28 3.83
N VAL A 64 -3.61 -15.48 3.68
CA VAL A 64 -3.52 -14.04 3.36
C VAL A 64 -4.48 -13.21 4.23
N ALA A 65 -4.14 -11.93 4.42
CA ALA A 65 -4.99 -10.96 5.09
C ALA A 65 -5.60 -10.01 4.07
N ILE A 66 -6.81 -9.58 4.35
CA ILE A 66 -7.53 -8.65 3.49
C ILE A 66 -7.88 -7.41 4.35
N LYS A 67 -7.48 -6.23 3.90
CA LYS A 67 -7.84 -4.95 4.55
C LYS A 67 -9.32 -4.88 4.76
N ASP A 68 -9.76 -4.37 5.91
CA ASP A 68 -11.19 -4.48 6.27
C ASP A 68 -12.11 -3.40 5.68
N ASN A 69 -11.70 -2.77 4.58
CA ASN A 69 -12.63 -2.04 3.68
C ASN A 69 -12.94 -2.81 2.39
N ILE A 70 -12.56 -4.09 2.37
CA ILE A 70 -12.83 -4.99 1.24
C ILE A 70 -13.77 -6.08 1.72
N LEU A 71 -14.91 -6.18 1.04
CA LEU A 71 -16.04 -7.05 1.42
C LEU A 71 -15.67 -8.52 1.28
N THR A 72 -16.04 -9.31 2.29
CA THR A 72 -15.73 -10.75 2.33
C THR A 72 -16.89 -11.56 2.89
N LEU A 73 -17.18 -12.68 2.24
CA LEU A 73 -18.00 -13.72 2.79
C LEU A 73 -17.38 -14.21 4.10
N GLY A 74 -18.22 -14.55 5.06
CA GLY A 74 -17.74 -15.37 6.15
C GLY A 74 -17.32 -14.58 7.35
N ARG A 76 -17.02 -10.40 8.95
CA ARG A 76 -17.60 -9.08 8.85
C ARG A 76 -16.59 -8.13 8.16
N THR A 77 -17.11 -7.01 7.66
CA THR A 77 -16.30 -5.94 7.08
C THR A 77 -16.67 -4.66 7.83
N THR A 78 -15.79 -4.20 8.69
CA THR A 78 -16.10 -3.10 9.57
C THR A 78 -15.70 -1.75 9.01
N CYS A 79 -14.81 -1.72 8.00
CA CYS A 79 -14.10 -0.46 7.63
C CYS A 79 -13.49 0.29 8.82
N ALA A 80 -13.10 -0.46 9.87
CA ALA A 80 -12.61 0.04 11.14
C ALA A 80 -13.51 1.13 11.73
N SER A 81 -14.82 0.95 11.57
CA SER A 81 -15.83 1.87 12.08
C SER A 81 -16.72 1.15 13.09
N ARG A 82 -17.07 1.86 14.16
CA ARG A 82 -17.97 1.29 15.15
C ARG A 82 -19.31 0.95 14.56
N ILE A 83 -19.80 1.78 13.65
CA ILE A 83 -21.12 1.55 13.10
C ILE A 83 -21.23 0.25 12.29
N LEU A 84 -20.09 -0.26 11.81
CA LEU A 84 -20.09 -1.47 11.00
C LEU A 84 -19.47 -2.61 11.78
N GLU A 85 -19.39 -2.45 13.08
CA GLU A 85 -18.76 -3.48 13.90
C GLU A 85 -19.35 -4.85 13.66
N ASN A 86 -20.64 -4.93 13.35
CA ASN A 86 -21.27 -6.23 13.16
C ASN A 86 -21.79 -6.42 11.74
N TYR A 87 -21.30 -5.62 10.77
CA TYR A 87 -21.73 -5.72 9.41
C TYR A 87 -21.17 -6.94 8.67
N GLU A 88 -22.05 -7.69 8.01
CA GLU A 88 -21.69 -8.82 7.18
C GLU A 88 -22.15 -8.57 5.77
N SER A 89 -21.20 -8.59 4.83
CA SER A 89 -21.51 -8.39 3.42
C SER A 89 -22.21 -9.59 2.83
N VAL A 90 -21.89 -10.79 3.31
CA VAL A 90 -22.37 -12.02 2.64
C VAL A 90 -22.05 -11.99 1.13
N PHE A 91 -20.86 -11.50 0.79
CA PHE A 91 -20.49 -11.23 -0.61
C PHE A 91 -18.99 -10.95 -0.62
N ASP A 92 -18.28 -11.60 -1.54
CA ASP A 92 -16.84 -11.38 -1.76
C ASP A 92 -16.59 -10.29 -2.84
N ALA A 93 -15.77 -9.29 -2.53
CA ALA A 93 -15.18 -8.41 -3.53
C ALA A 93 -14.59 -9.26 -4.66
N THR A 94 -14.62 -8.71 -5.87
CA THR A 94 -14.02 -9.37 -7.03
C THR A 94 -12.59 -9.82 -6.78
N VAL A 95 -11.76 -8.98 -6.17
CA VAL A 95 -10.35 -9.36 -5.89
C VAL A 95 -10.27 -10.56 -4.90
N VAL A 96 -11.20 -10.62 -3.96
CA VAL A 96 -11.30 -11.77 -3.06
C VAL A 96 -11.81 -13.02 -3.77
N LYS A 97 -12.80 -12.92 -4.64
CA LYS A 97 -13.21 -14.06 -5.47
C LYS A 97 -12.02 -14.65 -6.24
N LYS A 98 -11.29 -13.75 -6.93
CA LYS A 98 -10.07 -14.11 -7.65
C LYS A 98 -9.00 -14.82 -6.79
N LYS A 100 -9.45 -16.36 -3.95
CA LYS A 100 -9.93 -17.64 -3.44
C LYS A 100 -9.99 -18.68 -4.57
N GLU A 101 -10.37 -18.26 -5.76
CA GLU A 101 -10.37 -19.17 -6.92
C GLU A 101 -8.98 -19.67 -7.24
N ALA A 102 -7.96 -18.85 -7.02
CA ALA A 102 -6.55 -19.23 -7.21
C ALA A 102 -6.05 -20.18 -6.11
N GLY A 103 -6.78 -20.26 -4.99
CA GLY A 103 -6.51 -21.15 -3.86
C GLY A 103 -6.14 -20.47 -2.55
N PHE A 104 -5.85 -19.18 -2.58
CA PHE A 104 -5.47 -18.50 -1.36
C PHE A 104 -6.60 -18.58 -0.31
N VAL A 105 -6.18 -18.60 0.96
CA VAL A 105 -7.09 -18.71 2.10
C VAL A 105 -7.09 -17.41 2.88
N VAL A 106 -8.26 -16.78 2.98
CA VAL A 106 -8.38 -15.52 3.67
C VAL A 106 -8.57 -15.82 5.16
N VAL A 107 -7.53 -15.60 5.93
CA VAL A 107 -7.56 -15.96 7.36
C VAL A 107 -7.99 -14.84 8.25
N GLY A 108 -7.98 -13.63 7.73
CA GLY A 108 -8.41 -12.50 8.53
C GLY A 108 -8.57 -11.17 7.82
N LYS A 109 -9.19 -10.25 8.55
CA LYS A 109 -9.41 -8.88 8.04
C LYS A 109 -8.55 -7.89 8.85
N ALA A 110 -7.74 -7.11 8.13
CA ALA A 110 -6.68 -6.27 8.71
C ALA A 110 -7.19 -4.85 9.01
N ASN A 111 -6.64 -4.27 10.07
CA ASN A 111 -7.02 -2.96 10.57
C ASN A 111 -6.59 -1.85 9.58
N LEU A 112 -7.27 -0.72 9.69
CA LEU A 112 -7.09 0.43 8.79
C LEU A 112 -7.57 1.66 9.55
N ASP A 113 -7.20 2.83 9.04
CA ASP A 113 -7.85 4.06 9.47
C ASP A 113 -9.34 3.95 9.14
N GLU A 114 -10.20 4.51 9.98
CA GLU A 114 -11.63 4.36 9.77
C GLU A 114 -12.03 4.88 8.35
N PHE A 115 -12.74 4.04 7.61
CA PHE A 115 -13.15 4.33 6.22
C PHE A 115 -11.97 4.65 5.28
N ALA A 116 -10.78 4.18 5.66
CA ALA A 116 -9.53 4.39 4.93
C ALA A 116 -9.09 5.86 4.88
N GLY A 118 -6.93 8.03 6.32
CA GLY A 118 -5.75 8.38 7.08
C GLY A 118 -4.46 7.78 6.54
N SER A 119 -3.37 8.13 7.20
CA SER A 119 -2.03 7.80 6.75
C SER A 119 -1.21 7.10 7.86
N SER A 120 -1.84 6.62 8.94
CA SER A 120 -1.07 5.98 10.01
C SER A 120 -1.75 4.84 10.76
N THR A 121 -3.02 4.57 10.43
CA THR A 121 -3.86 3.55 11.04
C THR A 121 -4.35 3.92 12.46
N GLU A 122 -3.88 5.06 12.99
CA GLU A 122 -4.23 5.52 14.33
C GLU A 122 -5.65 5.92 14.46
N ARG A 123 -6.29 6.24 13.33
CA ARG A 123 -7.72 6.60 13.28
C ARG A 123 -8.67 5.42 13.14
N SER A 124 -8.19 4.19 13.30
CA SER A 124 -9.05 3.06 13.48
C SER A 124 -10.00 3.31 14.66
N ALA A 125 -11.28 2.97 14.49
CA ALA A 125 -12.26 3.11 15.58
C ALA A 125 -11.92 2.14 16.72
N PHE A 126 -11.15 1.09 16.42
CA PHE A 126 -10.91 0.03 17.38
C PHE A 126 -9.61 0.19 18.17
N PHE A 127 -8.49 0.38 17.49
CA PHE A 127 -7.20 0.47 18.14
C PHE A 127 -6.13 0.79 17.09
N PRO A 128 -5.00 1.39 17.51
CA PRO A 128 -3.95 1.54 16.51
C PRO A 128 -3.22 0.21 16.28
N THR A 129 -2.76 -0.01 15.04
CA THR A 129 -1.87 -1.09 14.71
C THR A 129 -0.47 -0.59 15.04
N ARG A 130 0.40 -1.50 15.44
CA ARG A 130 1.76 -1.14 15.85
C ARG A 130 2.80 -1.76 14.93
N ASN A 131 3.85 -1.01 14.65
CA ASN A 131 4.88 -1.44 13.70
C ASN A 131 5.67 -2.62 14.26
N PRO A 132 5.72 -3.75 13.54
CA PRO A 132 6.53 -4.86 14.08
C PRO A 132 8.01 -4.54 14.36
N TRP A 133 8.57 -3.53 13.70
CA TRP A 133 9.98 -3.16 13.91
C TRP A 133 10.18 -2.33 15.20
N ASP A 134 9.09 -1.78 15.72
CA ASP A 134 9.07 -0.92 16.92
C ASP A 134 7.61 -0.64 17.28
N LEU A 135 7.13 -1.31 18.33
CA LEU A 135 5.69 -1.34 18.68
C LEU A 135 5.12 -0.04 19.23
N GLU A 136 6.02 0.88 19.54
CA GLU A 136 5.69 2.26 19.85
C GLU A 136 5.30 3.09 18.63
N ARG A 137 5.57 2.55 17.45
CA ARG A 137 5.45 3.31 16.20
C ARG A 137 4.34 2.82 15.30
N VAL A 138 3.95 3.74 14.42
CA VAL A 138 2.92 3.51 13.43
C VAL A 138 3.45 2.59 12.32
N PRO A 139 2.55 1.82 11.72
CA PRO A 139 2.85 0.95 10.58
C PRO A 139 2.58 1.70 9.23
N GLY A 140 2.29 2.99 9.33
CA GLY A 140 1.73 3.76 8.21
C GLY A 140 0.27 3.46 8.02
N GLY A 141 -0.27 3.91 6.90
CA GLY A 141 -1.67 3.70 6.62
C GLY A 141 -2.08 4.26 5.28
N SER A 142 -3.33 4.11 4.91
CA SER A 142 -4.39 3.47 5.71
C SER A 142 -4.37 1.92 5.76
N SER A 143 -3.53 1.26 4.98
CA SER A 143 -3.43 -0.20 4.99
C SER A 143 -2.39 -0.73 6.00
N GLY A 144 -2.36 -0.15 7.20
CA GLY A 144 -1.33 -0.46 8.21
C GLY A 144 -1.44 -1.88 8.75
N GLY A 145 -2.67 -2.32 8.96
CA GLY A 145 -2.90 -3.70 9.44
C GLY A 145 -2.36 -4.71 8.48
N SER A 146 -2.61 -4.49 7.18
CA SER A 146 -2.15 -5.39 6.13
C SER A 146 -0.62 -5.46 6.05
N ALA A 147 0.03 -4.30 6.06
CA ALA A 147 1.49 -4.24 6.01
C ALA A 147 2.12 -4.89 7.27
N ALA A 148 1.58 -4.58 8.46
CA ALA A 148 2.11 -5.10 9.74
C ALA A 148 1.97 -6.63 9.83
N ALA A 149 0.83 -7.14 9.37
CA ALA A 149 0.60 -8.58 9.34
C ALA A 149 1.59 -9.34 8.47
N VAL A 150 1.93 -8.79 7.31
CA VAL A 150 2.92 -9.39 6.40
C VAL A 150 4.33 -9.28 7.01
N SER A 151 4.67 -8.10 7.48
CA SER A 151 5.99 -7.84 8.04
C SER A 151 6.26 -8.77 9.22
N ALA A 152 5.30 -8.84 10.12
CA ALA A 152 5.38 -9.69 11.33
C ALA A 152 5.30 -11.20 11.03
N GLY A 153 4.88 -11.56 9.82
CA GLY A 153 4.82 -12.93 9.35
C GLY A 153 3.59 -13.69 9.82
N VAL A 155 0.85 -13.62 8.22
CA VAL A 155 0.37 -14.15 6.94
C VAL A 155 1.49 -14.10 5.90
N VAL A 156 1.26 -14.77 4.76
CA VAL A 156 2.25 -14.84 3.68
C VAL A 156 2.21 -13.53 2.81
N ALA A 157 1.00 -12.99 2.64
CA ALA A 157 0.74 -11.78 1.85
C ALA A 157 -0.58 -11.14 2.24
N ALA A 158 -0.83 -9.95 1.70
CA ALA A 158 -2.06 -9.24 1.99
C ALA A 158 -2.47 -8.33 0.84
N LEU A 159 -3.75 -7.91 0.87
CA LEU A 159 -4.28 -6.85 -0.01
C LEU A 159 -4.60 -5.62 0.83
N GLY A 160 -4.25 -4.45 0.28
CA GLY A 160 -4.71 -3.15 0.76
C GLY A 160 -5.37 -2.33 -0.34
N SER A 161 -5.58 -1.07 -0.06
CA SER A 161 -6.19 -0.15 -1.03
C SER A 161 -5.37 1.09 -1.01
N ASP A 162 -5.29 1.78 -2.15
CA ASP A 162 -4.34 2.89 -2.31
C ASP A 162 -4.99 4.03 -3.10
N THR A 163 -5.35 5.10 -2.40
CA THR A 163 -5.94 6.28 -3.00
C THR A 163 -4.92 7.37 -3.25
N GLY A 164 -3.98 7.53 -2.31
CA GLY A 164 -2.92 8.53 -2.38
C GLY A 164 -1.60 8.02 -1.80
N GLY A 165 -1.49 6.70 -1.71
CA GLY A 165 -0.34 6.08 -1.12
C GLY A 165 -0.62 4.98 -0.11
N SER A 166 -1.87 4.65 0.13
CA SER A 166 -2.24 3.82 1.30
C SER A 166 -1.88 2.33 1.21
N VAL A 167 -1.31 1.88 0.10
CA VAL A 167 -0.64 0.58 0.03
C VAL A 167 0.86 0.75 0.13
N ARG A 168 1.41 1.62 -0.71
CA ARG A 168 2.84 1.88 -0.78
C ARG A 168 3.50 2.42 0.50
N GLN A 169 2.86 3.38 1.13
CA GLN A 169 3.40 4.03 2.31
C GLN A 169 3.48 3.08 3.55
N PRO A 170 2.40 2.32 3.88
CA PRO A 170 2.53 1.38 5.00
C PRO A 170 3.55 0.28 4.72
N ALA A 171 3.63 -0.17 3.47
CA ALA A 171 4.64 -1.13 3.10
C ALA A 171 6.03 -0.54 3.35
N SER A 172 6.25 0.70 2.90
CA SER A 172 7.50 1.40 3.15
C SER A 172 7.84 1.42 4.65
N LEU A 173 6.90 1.84 5.48
CA LEU A 173 7.16 2.02 6.91
C LEU A 173 7.35 0.69 7.66
N CYS A 174 6.75 -0.39 7.15
CA CYS A 174 6.90 -1.74 7.74
C CYS A 174 8.01 -2.62 7.12
N GLY A 175 8.66 -2.16 6.05
CA GLY A 175 9.73 -2.89 5.44
C GLY A 175 9.29 -4.07 4.62
N VAL A 176 8.22 -3.87 3.85
CA VAL A 176 7.70 -4.89 2.95
C VAL A 176 7.42 -4.22 1.58
N VAL A 177 7.05 -5.03 0.61
CA VAL A 177 6.77 -4.55 -0.76
C VAL A 177 5.30 -4.13 -0.80
N GLY A 178 5.01 -2.98 -1.39
CA GLY A 178 3.66 -2.55 -1.60
C GLY A 178 3.48 -2.09 -3.06
N TYR A 179 2.47 -2.61 -3.75
CA TYR A 179 2.29 -2.28 -5.18
C TYR A 179 0.96 -1.61 -5.48
N LYS A 180 0.98 -0.53 -6.25
CA LYS A 180 -0.22 0.09 -6.74
C LYS A 180 -0.21 0.02 -8.26
N PRO A 181 -1.14 -0.75 -8.84
CA PRO A 181 -1.09 -0.95 -10.31
C PRO A 181 -1.58 0.25 -11.09
N THR A 182 -1.34 0.22 -12.40
CA THR A 182 -1.98 1.18 -13.31
C THR A 182 -3.48 1.23 -13.06
N TYR A 183 -4.02 2.43 -13.03
CA TYR A 183 -5.47 2.60 -12.93
C TYR A 183 -6.21 1.83 -14.01
N GLY A 184 -7.21 1.08 -13.61
CA GLY A 184 -7.98 0.29 -14.59
C GLY A 184 -7.62 -1.20 -14.59
N LEU A 185 -6.52 -1.61 -13.95
CA LEU A 185 -6.18 -3.03 -13.93
C LEU A 185 -6.87 -3.90 -12.86
N VAL A 186 -7.36 -3.29 -11.78
CA VAL A 186 -7.94 -4.04 -10.66
C VAL A 186 -9.31 -3.51 -10.29
N SER A 187 -10.28 -4.42 -10.24
CA SER A 187 -11.67 -4.07 -9.89
C SER A 187 -11.75 -3.48 -8.47
N ARG A 188 -12.54 -2.42 -8.33
CA ARG A 188 -12.96 -1.87 -7.03
C ARG A 188 -14.33 -2.40 -6.59
N TYR A 189 -14.86 -3.40 -7.25
CA TYR A 189 -16.17 -3.93 -6.87
C TYR A 189 -16.01 -4.70 -5.59
N GLY A 190 -16.65 -4.24 -4.52
CA GLY A 190 -16.42 -4.77 -3.17
C GLY A 190 -15.45 -3.97 -2.31
N LEU A 191 -14.85 -2.88 -2.84
CA LEU A 191 -14.09 -1.95 -2.04
C LEU A 191 -15.04 -0.89 -1.54
N VAL A 192 -15.05 -0.64 -0.23
CA VAL A 192 -15.87 0.43 0.34
C VAL A 192 -14.98 1.69 0.27
N ALA A 193 -15.19 2.50 -0.77
CA ALA A 193 -14.23 3.55 -1.22
C ALA A 193 -14.97 4.82 -1.46
N PHE A 194 -14.29 5.94 -1.26
CA PHE A 194 -14.93 7.28 -1.45
C PHE A 194 -14.38 8.14 -2.63
N ALA A 195 -13.45 7.55 -3.41
CA ALA A 195 -12.73 8.24 -4.55
C ALA A 195 -12.44 7.36 -5.82
N SER A 196 -13.42 7.35 -6.73
CA SER A 196 -13.38 6.52 -7.91
C SER A 196 -12.26 6.78 -8.90
N SER A 197 -11.73 7.99 -8.99
CA SER A 197 -10.73 8.24 -10.03
C SER A 197 -9.30 7.97 -9.55
N LEU A 198 -9.13 7.57 -8.31
CA LEU A 198 -7.79 7.55 -7.69
C LEU A 198 -7.39 6.17 -7.12
N ASP A 199 -8.39 5.43 -6.69
CA ASP A 199 -8.17 4.15 -5.97
C ASP A 199 -7.79 2.95 -6.85
N GLN A 200 -6.78 2.19 -6.40
CA GLN A 200 -6.64 0.80 -6.77
C GLN A 200 -6.39 -0.03 -5.50
N ILE A 201 -6.88 -1.24 -5.56
CA ILE A 201 -6.47 -2.29 -4.65
C ILE A 201 -5.11 -2.77 -5.13
N GLY A 202 -4.25 -3.07 -4.16
CA GLY A 202 -2.93 -3.61 -4.44
C GLY A 202 -2.39 -4.56 -3.39
N PRO A 203 -1.42 -5.38 -3.79
CA PRO A 203 -0.85 -6.36 -2.88
C PRO A 203 0.25 -5.82 -2.01
N ILE A 204 0.39 -6.41 -0.83
CA ILE A 204 1.47 -6.16 0.06
C ILE A 204 2.12 -7.51 0.35
N THR A 205 3.43 -7.57 0.13
CA THR A 205 4.18 -8.83 0.10
C THR A 205 5.59 -8.74 0.70
N LYS A 206 6.19 -9.92 0.84
CA LYS A 206 7.55 -10.05 1.39
C LYS A 206 8.65 -9.94 0.34
N THR A 207 8.27 -10.13 -0.93
CA THR A 207 9.18 -10.07 -2.06
C THR A 207 8.48 -9.39 -3.22
N VAL A 208 9.29 -8.88 -4.14
CA VAL A 208 8.79 -8.21 -5.36
C VAL A 208 8.03 -9.21 -6.28
N ARG A 209 8.63 -10.39 -6.48
CA ARG A 209 7.96 -11.45 -7.26
C ARG A 209 6.59 -11.88 -6.69
N ASP A 210 6.48 -12.01 -5.36
CA ASP A 210 5.18 -12.30 -4.72
C ASP A 210 4.12 -11.25 -5.08
N ALA A 211 4.52 -9.97 -5.14
CA ALA A 211 3.56 -8.90 -5.55
C ALA A 211 3.15 -9.03 -7.02
N ALA A 212 4.10 -9.37 -7.89
CA ALA A 212 3.77 -9.64 -9.32
C ALA A 212 2.82 -10.81 -9.48
N ILE A 213 3.05 -11.84 -8.69
CA ILE A 213 2.18 -13.03 -8.70
C ILE A 213 0.73 -12.65 -8.30
N LEU A 214 0.56 -11.88 -7.22
CA LEU A 214 -0.79 -11.46 -6.83
C LEU A 214 -1.43 -10.54 -7.87
N GLU A 216 -0.98 -10.78 -11.07
CA GLU A 216 -1.44 -11.68 -12.12
C GLU A 216 -2.82 -12.23 -11.71
N ILE A 217 -3.02 -12.46 -10.41
CA ILE A 217 -4.27 -13.04 -9.91
C ILE A 217 -5.48 -12.04 -9.84
N ILE A 218 -5.27 -10.86 -9.28
CA ILE A 218 -6.36 -9.93 -8.94
C ILE A 218 -6.72 -8.99 -10.08
N SER A 219 -5.83 -8.85 -11.07
CA SER A 219 -6.09 -7.99 -12.20
C SER A 219 -7.17 -8.57 -13.11
N GLY A 220 -7.79 -7.71 -13.90
CA GLY A 220 -8.61 -8.13 -14.99
C GLY A 220 -9.97 -7.46 -15.05
N ARG A 221 -10.54 -7.48 -16.24
CA ARG A 221 -11.82 -6.88 -16.53
C ARG A 221 -12.89 -7.46 -15.62
N ASP A 222 -13.74 -6.58 -15.10
CA ASP A 222 -14.88 -6.94 -14.27
C ASP A 222 -16.07 -6.08 -14.72
N GLU A 223 -17.12 -6.74 -15.21
CA GLU A 223 -18.34 -6.04 -15.67
C GLU A 223 -18.97 -5.19 -14.54
N ASN A 224 -18.72 -5.56 -13.28
CA ASN A 224 -19.19 -4.79 -12.13
C ASN A 224 -18.39 -3.56 -11.81
N ASP A 225 -17.23 -3.40 -12.46
CA ASP A 225 -16.50 -2.14 -12.42
C ASP A 225 -16.13 -1.69 -13.82
N ALA A 226 -16.89 -0.71 -14.30
CA ALA A 226 -16.73 -0.16 -15.65
C ALA A 226 -15.37 0.52 -15.87
N THR A 227 -14.67 0.90 -14.81
CA THR A 227 -13.30 1.45 -14.95
C THR A 227 -12.22 0.41 -15.27
N THR A 228 -12.54 -0.88 -15.15
CA THR A 228 -11.58 -1.93 -15.43
C THR A 228 -11.39 -2.08 -16.94
N VAL A 229 -10.14 -2.21 -17.35
CA VAL A 229 -9.83 -2.24 -18.78
C VAL A 229 -9.76 -3.66 -19.28
N ASN A 230 -9.90 -3.81 -20.59
CA ASN A 230 -9.77 -5.11 -21.24
C ASN A 230 -8.32 -5.48 -21.59
N ARG A 231 -7.45 -4.47 -21.64
CA ARG A 231 -6.03 -4.67 -21.87
C ARG A 231 -5.41 -5.59 -20.82
N LYS A 232 -4.80 -6.70 -21.27
CA LYS A 232 -4.05 -7.60 -20.38
C LYS A 232 -2.57 -7.16 -20.25
N VAL A 233 -2.11 -7.08 -19.01
CA VAL A 233 -0.73 -6.70 -18.68
C VAL A 233 -0.02 -7.90 -18.07
N ASP A 234 1.20 -8.17 -18.52
CA ASP A 234 1.99 -9.27 -18.00
C ASP A 234 2.86 -8.69 -16.90
N PHE A 235 2.70 -9.17 -15.66
CA PHE A 235 3.49 -8.60 -14.54
C PHE A 235 4.78 -9.35 -14.20
N LEU A 236 4.89 -10.60 -14.66
CA LEU A 236 5.86 -11.52 -14.10
C LEU A 236 6.94 -11.95 -15.11
N SER A 237 6.62 -11.93 -16.39
CA SER A 237 7.48 -12.63 -17.37
C SER A 237 8.89 -12.07 -17.46
N GLU A 238 9.00 -10.75 -17.39
CA GLU A 238 10.27 -10.08 -17.58
C GLU A 238 10.94 -9.70 -16.28
N ILE A 239 10.43 -10.23 -15.19
CA ILE A 239 10.77 -9.67 -13.89
C ILE A 239 12.27 -9.81 -13.55
N GLU A 240 12.92 -10.82 -14.14
CA GLU A 240 14.33 -11.09 -13.82
C GLU A 240 15.33 -10.43 -14.73
N GLU A 241 14.88 -9.64 -15.70
CA GLU A 241 15.79 -9.24 -16.78
C GLU A 241 16.67 -8.03 -16.54
N GLY A 242 16.49 -7.34 -15.42
CA GLY A 242 17.46 -6.35 -14.99
C GLY A 242 17.27 -4.99 -15.61
N VAL A 243 18.19 -4.07 -15.31
CA VAL A 243 18.04 -2.68 -15.66
C VAL A 243 19.21 -2.11 -16.45
N SER A 244 20.13 -2.99 -16.89
CA SER A 244 21.26 -2.52 -17.69
C SER A 244 20.75 -1.71 -18.88
N GLY A 245 21.36 -0.57 -19.15
CA GLY A 245 20.98 0.24 -20.27
C GLY A 245 19.72 1.08 -20.13
N LYS A 247 17.33 4.11 -18.28
CA LYS A 247 17.47 5.53 -17.97
C LYS A 247 16.40 5.89 -16.96
N PHE A 248 16.79 6.43 -15.82
CA PHE A 248 15.83 6.75 -14.76
C PHE A 248 15.86 8.23 -14.40
N ALA A 249 14.68 8.76 -14.08
CA ALA A 249 14.52 10.19 -13.75
C ALA A 249 14.24 10.39 -12.27
N VAL A 250 14.89 11.39 -11.68
CA VAL A 250 14.68 11.75 -10.30
C VAL A 250 14.18 13.21 -10.27
N PRO A 251 12.98 13.43 -9.72
CA PRO A 251 12.45 14.80 -9.70
C PRO A 251 13.28 15.69 -8.80
N GLU A 252 13.64 16.85 -9.32
CA GLU A 252 14.29 17.90 -8.55
C GLU A 252 13.54 18.25 -7.28
N GLU A 253 12.22 18.19 -7.35
CA GLU A 253 11.36 18.50 -6.22
C GLU A 253 11.68 17.73 -4.93
N ILE A 254 12.17 16.50 -5.05
CA ILE A 254 12.59 15.70 -3.88
C ILE A 254 13.59 16.46 -3.01
N TYR A 255 14.47 17.20 -3.68
CA TYR A 255 15.57 17.88 -3.01
C TYR A 255 15.16 19.24 -2.43
N GLU A 256 13.93 19.66 -2.68
CA GLU A 256 13.45 20.96 -2.25
C GLU A 256 12.53 20.85 -1.04
N HIS A 257 12.68 19.73 -0.34
CA HIS A 257 11.99 19.49 0.90
C HIS A 257 13.01 18.86 1.81
N ASP A 258 12.90 19.21 3.08
CA ASP A 258 13.80 18.70 4.11
C ASP A 258 13.24 17.39 4.57
N ILE A 259 13.79 16.30 4.02
CA ILE A 259 13.42 14.97 4.44
C ILE A 259 14.44 14.35 5.41
N GLU A 260 14.02 13.26 6.04
CA GLU A 260 14.83 12.58 7.02
C GLU A 260 16.17 12.21 6.39
N GLU A 261 17.26 12.53 7.08
CA GLU A 261 18.58 12.37 6.50
C GLU A 261 18.85 10.93 6.09
N GLY A 262 18.50 9.97 6.93
CA GLY A 262 18.75 8.59 6.61
C GLY A 262 17.95 8.09 5.42
N VAL A 263 16.77 8.67 5.22
CA VAL A 263 15.94 8.34 4.06
C VAL A 263 16.67 8.82 2.77
N SER A 264 17.13 10.07 2.79
CA SER A 264 17.96 10.62 1.71
C SER A 264 19.17 9.76 1.42
N GLU A 265 19.84 9.27 2.46
CA GLU A 265 21.06 8.50 2.27
C GLU A 265 20.80 7.15 1.63
N ARG A 266 19.79 6.45 2.16
CA ARG A 266 19.31 5.21 1.54
C ARG A 266 18.90 5.43 0.08
N PHE A 267 18.12 6.48 -0.20
CA PHE A 267 17.71 6.76 -1.58
C PHE A 267 18.90 7.00 -2.50
N GLU A 268 19.86 7.84 -2.11
CA GLU A 268 21.05 8.03 -2.93
C GLU A 268 21.82 6.73 -3.17
N GLU A 269 21.89 5.85 -2.18
CA GLU A 269 22.55 4.56 -2.37
C GLU A 269 21.81 3.70 -3.43
N ALA A 270 20.47 3.75 -3.41
CA ALA A 270 19.72 2.99 -4.41
C ALA A 270 20.04 3.49 -5.83
N LEU A 271 20.13 4.80 -5.98
CA LEU A 271 20.51 5.44 -7.24
C LEU A 271 21.89 4.98 -7.71
N LYS A 272 22.83 4.94 -6.77
CA LYS A 272 24.17 4.45 -7.08
C LYS A 272 24.18 2.98 -7.47
N LEU A 273 23.37 2.16 -6.78
CA LEU A 273 23.27 0.75 -7.11
C LEU A 273 22.78 0.60 -8.56
N LEU A 274 21.74 1.35 -8.91
CA LEU A 274 21.21 1.34 -10.28
C LEU A 274 22.26 1.67 -11.33
N GLU A 275 23.12 2.63 -11.04
CA GLU A 275 24.20 2.97 -11.96
C GLU A 275 25.23 1.84 -12.06
N ARG A 276 25.53 1.19 -10.93
CA ARG A 276 26.39 0.00 -10.95
C ARG A 276 25.83 -1.14 -11.77
N LEU A 277 24.51 -1.23 -11.85
CA LEU A 277 23.86 -2.26 -12.66
C LEU A 277 23.73 -1.89 -14.15
N GLY A 278 24.24 -0.72 -14.53
CA GLY A 278 24.35 -0.32 -15.93
C GLY A 278 23.26 0.63 -16.41
N ALA A 279 22.49 1.19 -15.47
CA ALA A 279 21.54 2.24 -15.81
C ALA A 279 22.12 3.63 -15.65
N LYS A 280 21.47 4.59 -16.27
CA LYS A 280 21.79 6.00 -16.00
C LYS A 280 20.69 6.69 -15.19
N VAL A 281 21.09 7.62 -14.32
CA VAL A 281 20.17 8.31 -13.45
C VAL A 281 20.35 9.79 -13.66
N GLU A 282 19.27 10.50 -13.93
CA GLU A 282 19.32 11.94 -14.19
C GLU A 282 18.23 12.70 -13.44
N ARG A 283 18.55 13.88 -12.90
CA ARG A 283 17.51 14.75 -12.33
C ARG A 283 16.71 15.42 -13.41
N VAL A 284 15.41 15.54 -13.20
CA VAL A 284 14.54 16.20 -14.15
C VAL A 284 13.72 17.21 -13.38
N LYS A 285 13.22 18.21 -14.09
CA LYS A 285 12.34 19.22 -13.51
C LYS A 285 10.96 19.03 -14.07
N ILE A 286 9.98 18.83 -13.19
CA ILE A 286 8.58 18.58 -13.59
C ILE A 286 7.79 19.80 -13.10
N PRO A 287 7.53 20.77 -13.99
CA PRO A 287 7.07 22.11 -13.60
C PRO A 287 5.92 22.18 -12.59
N HIS A 288 4.87 21.39 -12.82
CA HIS A 288 3.69 21.45 -11.97
C HIS A 288 3.59 20.43 -10.87
N ILE A 289 4.66 19.66 -10.66
CA ILE A 289 4.61 18.57 -9.69
C ILE A 289 4.41 19.11 -8.29
N LYS A 290 4.87 20.32 -8.03
CA LYS A 290 4.70 20.91 -6.72
C LYS A 290 3.23 21.17 -6.39
N TYR A 291 2.36 21.18 -7.39
CA TYR A 291 0.91 21.30 -7.14
C TYR A 291 0.14 19.99 -6.89
N SER A 292 0.85 18.87 -6.80
CA SER A 292 0.22 17.54 -6.68
C SER A 292 -0.64 17.38 -5.42
N VAL A 293 -0.05 17.73 -4.29
CA VAL A 293 -0.69 17.52 -2.98
C VAL A 293 -1.94 18.40 -2.89
N ALA A 294 -1.82 19.70 -3.17
CA ALA A 294 -2.98 20.61 -3.17
C ALA A 294 -4.05 20.11 -4.12
N THR A 295 -3.65 19.65 -5.29
CA THR A 295 -4.62 19.14 -6.29
C THR A 295 -5.36 17.90 -5.77
N TYR A 296 -4.59 16.98 -5.21
CA TYR A 296 -5.15 15.77 -4.58
C TYR A 296 -6.17 16.09 -3.52
N TYR A 297 -5.82 17.00 -2.64
CA TYR A 297 -6.75 17.37 -1.57
C TYR A 297 -7.99 18.19 -1.97
N VAL A 298 -8.11 18.62 -3.24
CA VAL A 298 -9.39 19.11 -3.78
C VAL A 298 -10.20 17.91 -4.33
N ILE A 299 -9.53 17.02 -5.04
CA ILE A 299 -10.24 15.99 -5.78
C ILE A 299 -10.73 14.85 -4.89
N ALA A 300 -9.84 14.31 -4.07
CA ALA A 300 -10.14 13.13 -3.28
C ALA A 300 -11.29 13.38 -2.32
N PRO A 301 -11.20 14.48 -1.54
CA PRO A 301 -12.34 14.89 -0.68
C PRO A 301 -13.55 15.36 -1.46
N ALA A 302 -13.39 16.24 -2.44
CA ALA A 302 -14.54 16.53 -3.31
C ALA A 302 -15.25 15.20 -3.61
N GLU A 303 -14.53 14.21 -4.13
CA GLU A 303 -15.13 12.88 -4.45
C GLU A 303 -15.82 12.27 -3.22
N ALA A 304 -15.13 12.27 -2.07
CA ALA A 304 -15.69 11.67 -0.84
C ALA A 304 -17.06 12.24 -0.44
N SER A 305 -17.14 13.57 -0.43
CA SER A 305 -18.37 14.32 -0.13
C SER A 305 -19.44 14.11 -1.20
N SER A 306 -19.01 13.81 -2.43
CA SER A 306 -19.89 13.30 -3.48
C SER A 306 -19.84 11.75 -3.63
N ASN A 307 -19.95 11.03 -2.52
CA ASN A 307 -20.16 9.58 -2.53
C ASN A 307 -21.00 9.18 -1.33
N THR A 332 -27.38 22.38 34.54
CA THR A 332 -26.99 21.42 35.59
C THR A 332 -25.47 21.36 35.84
N ARG A 333 -24.67 21.81 34.87
CA ARG A 333 -23.20 21.92 35.03
C ARG A 333 -22.61 23.30 34.69
N ASN A 334 -23.45 24.21 34.20
CA ASN A 334 -23.03 25.52 33.65
C ASN A 334 -21.89 25.41 32.62
N VAL A 335 -22.15 24.64 31.56
CA VAL A 335 -21.12 24.22 30.59
C VAL A 335 -21.69 24.20 29.17
N GLY A 336 -20.82 24.28 28.17
CA GLY A 336 -21.18 23.98 26.78
C GLY A 336 -20.88 25.07 25.76
N PHE A 337 -20.36 26.21 26.22
CA PHE A 337 -20.05 27.29 25.29
C PHE A 337 -18.97 26.86 24.27
N GLY A 338 -17.93 26.18 24.75
CA GLY A 338 -16.87 25.66 23.88
C GLY A 338 -17.39 24.71 22.82
N GLU A 339 -18.21 23.73 23.24
CA GLU A 339 -18.73 22.72 22.29
C GLU A 339 -19.58 23.32 21.19
N GLU A 340 -20.42 24.29 21.54
CA GLU A 340 -21.30 24.93 20.58
C GLU A 340 -20.50 25.76 19.56
N VAL A 341 -19.48 26.45 20.06
CA VAL A 341 -18.65 27.27 19.20
C VAL A 341 -17.87 26.36 18.25
N ARG A 342 -17.33 25.26 18.77
CA ARG A 342 -16.61 24.30 17.93
C ARG A 342 -17.54 23.69 16.88
N ARG A 343 -18.74 23.29 17.31
CA ARG A 343 -19.77 22.78 16.40
C ARG A 343 -20.06 23.76 15.27
N ARG A 344 -20.33 25.01 15.62
CA ARG A 344 -20.69 26.00 14.62
C ARG A 344 -19.54 26.17 13.64
N ILE A 345 -18.32 26.24 14.17
CA ILE A 345 -17.14 26.42 13.33
C ILE A 345 -16.95 25.21 12.41
N ILE A 347 -19.31 23.03 11.38
CA ILE A 347 -20.36 23.01 10.37
C ILE A 347 -20.07 24.10 9.32
N GLY A 348 -19.62 25.25 9.81
CA GLY A 348 -19.25 26.38 8.94
C GLY A 348 -18.15 26.02 7.96
N THR A 349 -17.09 25.41 8.49
CA THR A 349 -15.97 24.93 7.66
C THR A 349 -16.41 23.93 6.61
N PHE A 350 -17.36 23.08 6.98
CA PHE A 350 -17.84 22.10 6.06
C PHE A 350 -18.54 22.73 4.88
N THR A 351 -19.38 23.72 5.14
CA THR A 351 -20.13 24.41 4.08
C THR A 351 -19.17 25.23 3.21
N LEU A 352 -18.20 25.84 3.86
CA LEU A 352 -17.22 26.62 3.10
C LEU A 352 -16.38 25.70 2.18
N SER A 353 -16.04 24.51 2.67
CA SER A 353 -15.25 23.56 1.86
C SER A 353 -16.06 23.14 0.67
N ALA A 354 -17.36 22.95 0.85
CA ALA A 354 -18.26 22.63 -0.26
C ALA A 354 -18.25 23.68 -1.35
N ALA A 355 -18.28 24.95 -0.92
CA ALA A 355 -18.13 26.10 -1.82
C ALA A 355 -16.79 26.03 -2.60
N TYR A 356 -15.72 25.77 -1.89
CA TYR A 356 -14.38 25.64 -2.45
C TYR A 356 -14.35 24.57 -3.54
N TYR A 357 -14.91 23.39 -3.24
CA TYR A 357 -14.97 22.30 -4.24
C TYR A 357 -15.74 22.76 -5.45
N GLU A 358 -16.87 23.42 -5.22
CA GLU A 358 -17.63 23.96 -6.32
C GLU A 358 -16.82 24.95 -7.16
N ALA A 359 -16.06 25.81 -6.51
CA ALA A 359 -15.32 26.86 -7.23
C ALA A 359 -14.09 26.29 -7.95
N TYR A 360 -13.52 25.23 -7.41
CA TYR A 360 -12.18 24.82 -7.77
C TYR A 360 -11.96 23.42 -8.29
N PHE A 361 -12.99 22.58 -8.30
CA PHE A 361 -12.84 21.20 -8.76
C PHE A 361 -12.35 21.14 -10.20
N ASN A 362 -13.01 21.89 -11.08
CA ASN A 362 -12.64 21.89 -12.48
C ASN A 362 -11.20 22.35 -12.67
N LYS A 363 -10.78 23.40 -11.98
CA LYS A 363 -9.41 23.84 -12.04
C LYS A 363 -8.43 22.78 -11.54
N ALA A 364 -8.79 22.09 -10.45
CA ALA A 364 -7.94 21.02 -9.92
C ALA A 364 -7.80 19.90 -10.95
N LYS A 366 -7.95 20.30 -14.22
CA LYS A 366 -7.03 20.83 -15.23
C LYS A 366 -5.59 20.69 -14.79
N VAL A 367 -5.32 21.00 -13.52
CA VAL A 367 -3.94 20.91 -13.00
C VAL A 367 -3.50 19.45 -12.93
N ARG A 368 -4.43 18.57 -12.56
CA ARG A 368 -4.21 17.12 -12.61
C ARG A 368 -3.82 16.63 -14.02
N ARG A 369 -4.55 17.07 -15.05
CA ARG A 369 -4.19 16.74 -16.44
C ARG A 369 -2.78 17.23 -16.78
N LYS A 370 -2.47 18.45 -16.39
CA LYS A 370 -1.16 19.03 -16.65
C LYS A 370 -0.04 18.24 -15.99
N ILE A 371 -0.21 17.90 -14.71
CA ILE A 371 0.78 17.10 -13.98
C ILE A 371 0.96 15.76 -14.70
N SER A 372 -0.16 15.16 -15.08
CA SER A 372 -0.17 13.88 -15.74
C SER A 372 0.57 13.93 -17.08
N ASP A 373 0.31 14.98 -17.86
CA ASP A 373 1.03 15.24 -19.12
C ASP A 373 2.53 15.35 -18.91
N GLU A 374 2.92 16.12 -17.91
CA GLU A 374 4.33 16.31 -17.66
C GLU A 374 5.02 14.99 -17.25
N LEU A 375 4.31 14.18 -16.46
CA LEU A 375 4.83 12.88 -16.02
C LEU A 375 4.97 11.96 -17.21
N ASN A 376 3.95 11.93 -18.08
CA ASN A 376 4.05 11.21 -19.36
C ASN A 376 5.20 11.70 -20.28
N GLU A 377 5.49 12.99 -20.29
CA GLU A 377 6.66 13.53 -21.02
C GLU A 377 7.93 12.95 -20.44
N VAL A 378 8.08 12.98 -19.11
CA VAL A 378 9.24 12.36 -18.49
C VAL A 378 9.31 10.87 -18.86
N LEU A 379 8.20 10.15 -18.75
CA LEU A 379 8.19 8.72 -18.97
C LEU A 379 8.26 8.31 -20.45
N SER A 380 8.21 9.26 -21.37
CA SER A 380 8.56 8.98 -22.78
C SER A 380 10.08 8.92 -23.01
N GLN A 381 10.86 9.59 -22.16
CA GLN A 381 12.33 9.60 -22.28
C GLN A 381 13.06 8.77 -21.25
N TYR A 382 12.38 8.43 -20.16
CA TYR A 382 12.95 7.63 -19.09
C TYR A 382 12.11 6.39 -18.83
N ASP A 383 12.76 5.32 -18.36
CA ASP A 383 12.08 4.07 -18.08
C ASP A 383 11.20 4.15 -16.85
N ALA A 384 11.56 5.01 -15.89
CA ALA A 384 10.82 5.13 -14.66
C ALA A 384 11.27 6.40 -13.98
N ILE A 385 10.45 6.84 -13.02
CA ILE A 385 10.76 7.88 -12.05
C ILE A 385 11.04 7.24 -10.70
N LEU A 386 12.07 7.72 -10.01
CA LEU A 386 12.48 7.19 -8.70
C LEU A 386 12.37 8.27 -7.65
N THR A 387 11.83 7.89 -6.49
CA THR A 387 11.70 8.77 -5.34
C THR A 387 11.78 7.92 -4.10
N PRO A 388 11.98 8.54 -2.93
CA PRO A 388 11.71 7.82 -1.69
C PRO A 388 10.21 7.63 -1.60
N THR A 389 9.77 6.51 -1.04
CA THR A 389 8.34 6.29 -0.88
C THR A 389 7.77 7.29 0.13
N SER A 390 8.52 7.51 1.21
CA SER A 390 8.14 8.36 2.33
C SER A 390 9.25 9.32 2.67
N PRO A 391 8.92 10.56 3.09
CA PRO A 391 9.98 11.45 3.53
C PRO A 391 10.58 11.11 4.90
N VAL A 392 9.89 10.22 5.63
CA VAL A 392 10.31 9.85 6.98
C VAL A 392 10.17 8.34 7.18
N THR A 393 10.85 7.83 8.18
CA THR A 393 10.59 6.48 8.68
C THR A 393 9.43 6.58 9.67
N ALA A 394 9.00 5.43 10.17
CA ALA A 394 7.84 5.35 11.06
C ALA A 394 7.94 6.29 12.27
N PHE A 395 6.91 7.09 12.50
CA PHE A 395 6.87 8.00 13.64
C PHE A 395 6.14 7.31 14.83
N LYS A 396 6.24 7.87 16.03
CA LYS A 396 5.55 7.29 17.19
C LYS A 396 4.03 7.45 17.14
N ILE A 397 3.34 6.43 17.64
CA ILE A 397 1.90 6.54 17.85
C ILE A 397 1.65 7.70 18.82
N GLY A 398 0.79 8.63 18.44
CA GLY A 398 0.51 9.83 19.27
C GLY A 398 1.45 11.01 19.01
N GLU A 399 2.47 10.81 18.18
CA GLU A 399 3.50 11.82 17.90
C GLU A 399 3.01 12.92 16.95
N ILE A 400 2.29 12.57 15.88
CA ILE A 400 1.91 13.54 14.86
C ILE A 400 0.50 14.05 15.14
N LYS A 401 0.44 15.29 15.62
CA LYS A 401 -0.80 16.00 15.83
C LYS A 401 -0.95 17.19 14.86
N ASP A 402 0.15 17.65 14.27
CA ASP A 402 0.11 18.77 13.32
C ASP A 402 -0.57 18.36 12.01
N PRO A 403 -1.69 19.02 11.69
CA PRO A 403 -2.39 18.68 10.47
C PRO A 403 -1.55 18.75 9.16
N LEU A 404 -0.90 19.87 8.90
CA LEU A 404 -0.09 19.99 7.70
C LEU A 404 0.96 18.85 7.59
N THR A 405 1.68 18.58 8.69
CA THR A 405 2.66 17.48 8.72
C THR A 405 2.02 16.15 8.33
N TYR A 406 0.88 15.87 8.93
CA TYR A 406 0.19 14.62 8.72
C TYR A 406 -0.19 14.45 7.25
N TYR A 407 -0.74 15.50 6.67
CA TYR A 407 -1.21 15.44 5.30
C TYR A 407 -0.11 15.52 4.25
N LEU A 408 1.11 15.80 4.69
CA LEU A 408 2.28 15.73 3.80
C LEU A 408 2.96 14.36 3.80
N ASP A 410 1.98 11.68 2.43
CA ASP A 410 1.81 11.10 1.11
C ASP A 410 2.41 11.96 -0.03
N ILE A 411 3.29 12.89 0.30
CA ILE A 411 3.85 13.81 -0.71
C ILE A 411 4.38 13.08 -1.97
N PHE A 412 5.13 11.99 -1.77
CA PHE A 412 5.78 11.31 -2.90
C PHE A 412 4.92 10.23 -3.55
N THR A 413 3.89 9.80 -2.85
CA THR A 413 3.04 8.71 -3.38
C THR A 413 1.84 9.28 -4.20
N ILE A 414 1.35 10.47 -3.84
CA ILE A 414 0.17 11.04 -4.47
C ILE A 414 0.20 11.13 -6.02
N PRO A 415 1.32 11.59 -6.59
CA PRO A 415 1.41 11.75 -8.05
C PRO A 415 1.03 10.52 -8.87
N ALA A 416 1.40 9.32 -8.42
CA ALA A 416 0.99 8.09 -9.15
C ALA A 416 -0.51 7.90 -9.22
N ASN A 417 -1.23 8.25 -8.15
CA ASN A 417 -2.70 8.19 -8.18
C ASN A 417 -3.26 9.27 -9.09
N LEU A 418 -2.73 10.49 -9.01
CA LEU A 418 -3.21 11.56 -9.90
C LEU A 418 -3.10 11.19 -11.37
N ALA A 419 -1.97 10.60 -11.74
CA ALA A 419 -1.70 10.25 -13.15
C ALA A 419 -2.11 8.83 -13.54
N GLY A 420 -2.63 8.05 -12.58
CA GLY A 420 -3.06 6.66 -12.82
C GLY A 420 -1.91 5.69 -13.14
N LEU A 421 -0.74 5.94 -12.56
CA LEU A 421 0.49 5.24 -12.94
C LEU A 421 0.79 4.08 -12.01
N PRO A 422 1.49 3.05 -12.51
CA PRO A 422 1.96 1.95 -11.67
C PRO A 422 3.08 2.45 -10.79
N ALA A 423 3.08 2.07 -9.54
CA ALA A 423 4.15 2.44 -8.60
C ALA A 423 4.30 1.38 -7.51
N ILE A 424 5.54 1.12 -7.16
CA ILE A 424 5.89 0.11 -6.17
C ILE A 424 6.77 0.74 -5.13
N SER A 425 6.64 0.29 -3.88
CA SER A 425 7.63 0.60 -2.83
C SER A 425 8.37 -0.69 -2.51
N VAL A 426 9.70 -0.60 -2.49
CA VAL A 426 10.58 -1.73 -2.22
C VAL A 426 11.55 -1.32 -1.11
N PRO A 427 11.72 -2.19 -0.11
CA PRO A 427 12.63 -1.83 0.98
C PRO A 427 14.10 -1.65 0.55
N PHE A 428 14.74 -0.64 1.11
CA PHE A 428 16.15 -0.36 0.86
C PHE A 428 16.84 0.10 2.14
N GLY A 429 17.17 -0.85 2.97
CA GLY A 429 17.87 -0.56 4.22
C GLY A 429 17.01 0.21 5.22
N PHE A 430 17.71 0.78 6.19
CA PHE A 430 17.09 1.40 7.37
C PHE A 430 17.58 2.84 7.60
N SER A 431 16.77 3.58 8.32
CA SER A 431 17.17 4.88 8.88
C SER A 431 16.57 4.88 10.29
N ASN A 432 17.39 5.22 11.27
CA ASN A 432 16.96 5.24 12.68
C ASN A 432 16.36 3.90 13.10
N ASN A 433 17.05 2.84 12.68
CA ASN A 433 16.65 1.44 12.84
C ASN A 433 15.28 1.06 12.32
N LEU A 434 14.79 1.82 11.34
CA LEU A 434 13.47 1.58 10.79
C LEU A 434 13.59 1.51 9.28
N PRO A 435 12.76 0.68 8.63
CA PRO A 435 12.84 0.47 7.20
C PRO A 435 12.57 1.71 6.38
N VAL A 436 13.33 1.85 5.29
CA VAL A 436 13.14 2.93 4.33
C VAL A 436 12.63 2.29 3.05
N GLY A 437 11.73 2.96 2.33
CA GLY A 437 11.23 2.47 1.06
C GLY A 437 11.70 3.35 -0.09
N VAL A 438 11.98 2.72 -1.22
CA VAL A 438 12.26 3.41 -2.47
C VAL A 438 11.12 3.08 -3.43
N GLN A 439 10.65 4.11 -4.14
CA GLN A 439 9.54 4.03 -5.04
C GLN A 439 9.98 4.08 -6.51
N VAL A 440 9.41 3.16 -7.29
CA VAL A 440 9.61 3.16 -8.73
C VAL A 440 8.23 3.45 -9.33
N ILE A 441 8.15 4.48 -10.18
CA ILE A 441 6.94 4.87 -10.85
C ILE A 441 7.12 4.68 -12.34
N GLY A 442 6.20 3.99 -13.01
CA GLY A 442 6.31 3.73 -14.45
C GLY A 442 5.21 4.40 -15.27
N ARG A 443 5.29 4.27 -16.58
CA ARG A 443 4.19 4.77 -17.39
C ARG A 443 3.00 3.83 -17.35
N ARG A 444 1.84 4.35 -17.68
CA ARG A 444 0.64 3.52 -17.69
C ARG A 444 0.83 2.23 -18.44
N PHE A 445 0.45 1.12 -17.80
CA PHE A 445 0.50 -0.23 -18.36
C PHE A 445 1.92 -0.79 -18.50
N ALA A 446 2.90 -0.10 -17.94
CA ALA A 446 4.28 -0.57 -17.91
C ALA A 446 4.54 -1.28 -16.57
N ASP A 447 3.49 -1.85 -15.96
CA ASP A 447 3.61 -2.57 -14.68
C ASP A 447 4.73 -3.64 -14.67
N GLY A 448 4.87 -4.39 -15.76
CA GLY A 448 5.92 -5.39 -15.87
C GLY A 448 7.34 -4.81 -15.72
N LYS A 449 7.56 -3.67 -16.36
CA LYS A 449 8.82 -2.95 -16.26
C LYS A 449 9.05 -2.41 -14.85
N VAL A 450 7.99 -1.90 -14.22
CA VAL A 450 8.09 -1.45 -12.85
C VAL A 450 8.55 -2.59 -11.95
N PHE A 451 7.92 -3.75 -12.09
CA PHE A 451 8.31 -4.94 -11.35
C PHE A 451 9.76 -5.38 -11.64
N ARG A 452 10.14 -5.37 -12.91
CA ARG A 452 11.51 -5.66 -13.32
C ARG A 452 12.56 -4.74 -12.66
N ILE A 453 12.28 -3.44 -12.58
CA ILE A 453 13.19 -2.48 -11.98
C ILE A 453 13.28 -2.75 -10.49
N ALA A 454 12.13 -2.90 -9.83
CA ALA A 454 12.05 -3.18 -8.41
C ALA A 454 12.80 -4.46 -8.04
N ARG A 455 12.66 -5.49 -8.87
CA ARG A 455 13.33 -6.75 -8.61
C ARG A 455 14.85 -6.63 -8.67
N ALA A 456 15.34 -5.80 -9.60
CA ALA A 456 16.78 -5.56 -9.73
C ALA A 456 17.33 -4.90 -8.44
N ILE A 457 16.54 -3.98 -7.88
CA ILE A 457 16.91 -3.30 -6.67
C ILE A 457 16.98 -4.31 -5.50
N GLU A 458 15.92 -5.12 -5.33
CA GLU A 458 15.86 -6.11 -4.26
C GLU A 458 16.96 -7.19 -4.36
N LYS A 459 17.20 -7.67 -5.58
CA LYS A 459 18.13 -8.76 -5.85
C LYS A 459 19.55 -8.32 -5.49
N ASN A 460 19.86 -7.06 -5.79
CA ASN A 460 21.23 -6.50 -5.69
C ASN A 460 21.43 -5.61 -4.48
N SER A 461 20.40 -5.41 -3.68
CA SER A 461 20.50 -4.52 -2.53
C SER A 461 21.56 -5.01 -1.54
N PRO A 462 22.43 -4.10 -1.07
CA PRO A 462 23.43 -4.48 -0.07
C PRO A 462 22.81 -4.68 1.30
N TYR A 463 21.52 -4.39 1.46
CA TYR A 463 20.84 -4.61 2.71
C TYR A 463 19.99 -5.85 2.75
N ASN A 464 19.97 -6.61 1.67
CA ASN A 464 19.21 -7.85 1.63
C ASN A 464 20.16 -9.03 1.76
N GLU A 465 19.67 -10.16 2.26
CA GLU A 465 20.44 -11.40 2.25
C GLU A 465 19.79 -12.35 1.30
N ASN A 466 20.55 -12.77 0.30
CA ASN A 466 19.98 -13.58 -0.78
C ASN A 466 18.75 -12.93 -1.41
N GLY A 467 18.86 -11.64 -1.72
CA GLY A 467 17.77 -10.95 -2.38
C GLY A 467 16.53 -10.80 -1.55
N PHE A 469 14.79 -8.90 2.02
CA PHE A 469 14.94 -7.87 3.06
C PHE A 469 14.60 -8.52 4.42
N PRO A 470 15.34 -8.16 5.49
CA PRO A 470 15.03 -8.81 6.78
C PRO A 470 13.61 -8.58 7.23
N LEU A 471 13.06 -9.53 7.97
CA LEU A 471 11.72 -9.42 8.52
C LEU A 471 11.84 -9.44 10.03
N PRO A 472 11.07 -8.58 10.71
CA PRO A 472 11.26 -8.43 12.14
C PRO A 472 10.65 -9.61 12.91
N GLU A 473 11.26 -9.95 14.03
CA GLU A 473 10.87 -11.08 14.83
C GLU A 473 10.27 -10.58 16.15
N VAL A 474 8.97 -10.31 16.10
CA VAL A 474 8.22 -9.83 17.26
C VAL A 474 8.29 -10.89 18.39
N LYS A 475 8.48 -10.44 19.62
CA LYS A 475 8.58 -11.33 20.79
C LYS A 475 7.17 -11.70 21.22
N ALA A 476 6.89 -13.00 21.31
CA ALA A 476 5.58 -13.48 21.80
C ALA A 476 5.30 -13.09 23.26
#